data_4DJJ
#
_entry.id   4DJJ
#
_cell.length_a   65.024
_cell.length_b   65.024
_cell.length_c   160.163
_cell.angle_alpha   90.00
_cell.angle_beta   90.00
_cell.angle_gamma   120.00
#
_symmetry.space_group_name_H-M   'P 61'
#
loop_
_entity.id
_entity.type
_entity.pdbx_description
1 polymer 'Peptidyl-tRNA hydrolase'
2 non-polymer 'PIMELIC ACID'
3 water water
#
_entity_poly.entity_id   1
_entity_poly.type   'polypeptide(L)'
_entity_poly.pdbx_seq_one_letter_code
;MTAVQLIVGLGNPGPEYDQTRHNAGALFVERLAHAQGVSLVADRKYFGLVGKFSHQGKDVRLLIPTTYMNRSGQSVAALA
GFFRIAPDAILVAHDELDMPPGVAKLKTGGGHGGHNGLRDIIAQLGNQNSFHRLRLGIGHPGHSSLVSGYVLGRAPRSEQ
ELLDTSIDFALGVLPEMLAGDWTRAMQKLHSQKA
;
_entity_poly.pdbx_strand_id   A,B
#
loop_
_chem_comp.id
_chem_comp.type
_chem_comp.name
_chem_comp.formula
PML non-polymer 'PIMELIC ACID' 'C7 H12 O4'
#
# COMPACT_ATOMS: atom_id res chain seq x y z
N MET A 1 -0.35 -1.37 33.60
CA MET A 1 -1.77 -1.12 34.02
C MET A 1 -2.64 -0.86 32.78
N THR A 2 -2.06 -0.22 31.76
CA THR A 2 -2.80 0.07 30.53
C THR A 2 -2.22 -0.71 29.34
N ALA A 3 -3.01 -1.65 28.83
CA ALA A 3 -2.59 -2.47 27.71
C ALA A 3 -2.48 -1.69 26.41
N VAL A 4 -1.49 -2.05 25.59
CA VAL A 4 -1.26 -1.43 24.30
C VAL A 4 -2.26 -2.00 23.27
N GLN A 5 -3.06 -1.11 22.69
CA GLN A 5 -4.07 -1.50 21.72
C GLN A 5 -3.71 -1.16 20.28
N LEU A 6 -2.77 -0.25 20.12
CA LEU A 6 -2.37 0.17 18.78
C LEU A 6 -0.88 0.47 18.61
N ILE A 7 -0.25 -0.19 17.65
CA ILE A 7 1.16 0.03 17.36
C ILE A 7 1.24 0.74 16.01
N VAL A 8 1.92 1.87 15.97
CA VAL A 8 2.03 2.62 14.73
C VAL A 8 3.48 2.79 14.25
N GLY A 9 3.72 2.44 13.00
CA GLY A 9 5.06 2.57 12.45
C GLY A 9 5.08 3.65 11.38
N LEU A 10 5.70 4.79 11.66
CA LEU A 10 5.74 5.88 10.68
C LEU A 10 6.72 5.71 9.53
N GLY A 11 6.31 6.21 8.39
CA GLY A 11 7.13 6.15 7.19
C GLY A 11 6.44 6.89 6.05
N ASN A 12 7.13 6.99 4.93
CA ASN A 12 6.59 7.64 3.73
C ASN A 12 6.29 6.54 2.70
N PRO A 13 5.20 6.71 1.92
CA PRO A 13 4.80 5.72 0.91
C PRO A 13 5.51 5.87 -0.43
N GLY A 14 5.57 4.79 -1.22
CA GLY A 14 6.21 4.87 -2.53
C GLY A 14 7.56 4.20 -2.55
N PRO A 15 8.03 3.77 -3.73
CA PRO A 15 9.31 3.09 -3.90
C PRO A 15 10.52 3.98 -3.60
N GLU A 16 10.39 5.26 -3.91
CA GLU A 16 11.46 6.23 -3.72
C GLU A 16 11.70 6.56 -2.26
N TYR A 17 10.93 5.93 -1.37
CA TYR A 17 11.05 6.20 0.05
C TYR A 17 11.29 4.91 0.83
N ASP A 18 11.19 3.85 0.16
CA ASP A 18 11.40 2.60 0.81
C ASP A 18 12.84 2.32 1.21
N GLN A 19 12.99 1.69 2.30
CA GLN A 19 14.31 1.37 2.85
C GLN A 19 15.10 2.60 3.26
N THR A 20 14.46 3.77 3.30
CA THR A 20 15.16 4.99 3.69
C THR A 20 15.15 5.13 5.20
N ARG A 21 15.93 6.08 5.71
CA ARG A 21 16.01 6.30 7.15
C ARG A 21 14.73 6.75 7.80
N HIS A 22 13.92 7.44 7.04
CA HIS A 22 12.68 7.98 7.52
C HIS A 22 11.60 6.93 7.84
N ASN A 23 11.84 5.74 7.29
CA ASN A 23 10.91 4.62 7.38
C ASN A 23 11.30 3.57 8.40
N ALA A 24 12.07 3.96 9.42
CA ALA A 24 12.50 2.99 10.43
C ALA A 24 11.32 2.47 11.24
N GLY A 25 10.42 3.36 11.63
CA GLY A 25 9.26 2.96 12.39
C GLY A 25 8.45 1.93 11.64
N ALA A 26 8.22 2.21 10.36
CA ALA A 26 7.45 1.34 9.50
C ALA A 26 8.13 0.00 9.34
N LEU A 27 9.46 0.01 9.25
CA LEU A 27 10.20 -1.23 9.11
C LEU A 27 10.04 -2.09 10.35
N PHE A 28 10.08 -1.46 11.53
CA PHE A 28 9.88 -2.17 12.78
C PHE A 28 8.51 -2.85 12.74
N VAL A 29 7.45 -2.08 12.49
CA VAL A 29 6.12 -2.68 12.44
C VAL A 29 6.05 -3.79 11.38
N GLU A 30 6.69 -3.55 10.24
CA GLU A 30 6.72 -4.52 9.15
C GLU A 30 7.38 -5.84 9.60
N ARG A 31 8.41 -5.71 10.43
CA ARG A 31 9.12 -6.87 10.96
C ARG A 31 8.33 -7.49 12.11
N LEU A 32 7.64 -6.66 12.88
CA LEU A 32 6.83 -7.15 13.99
C LEU A 32 5.65 -7.95 13.45
N ALA A 33 5.08 -7.46 12.35
CA ALA A 33 3.95 -8.11 11.71
C ALA A 33 4.31 -9.44 11.07
N HIS A 34 5.55 -9.55 10.60
CA HIS A 34 5.99 -10.79 9.97
C HIS A 34 6.34 -11.84 11.01
N ALA A 35 6.81 -11.40 12.17
CA ALA A 35 7.15 -12.32 13.23
C ALA A 35 5.88 -12.98 13.76
N GLN A 36 4.80 -12.20 13.82
CA GLN A 36 3.49 -12.62 14.31
C GLN A 36 2.59 -13.27 13.25
N GLY A 37 3.02 -13.27 12.00
CA GLY A 37 2.21 -13.85 10.96
C GLY A 37 0.88 -13.11 10.86
N VAL A 38 0.99 -11.78 10.83
CA VAL A 38 -0.14 -10.87 10.75
C VAL A 38 -0.17 -10.25 9.35
N SER A 39 -1.35 -10.13 8.76
CA SER A 39 -1.45 -9.56 7.43
C SER A 39 -1.83 -8.08 7.43
N LEU A 40 -1.09 -7.29 6.66
CA LEU A 40 -1.35 -5.86 6.54
C LEU A 40 -2.31 -5.63 5.39
N VAL A 41 -3.53 -5.30 5.77
CA VAL A 41 -4.61 -5.08 4.83
C VAL A 41 -4.74 -3.61 4.45
N ALA A 42 -4.81 -3.34 3.15
CA ALA A 42 -4.97 -1.98 2.64
C ALA A 42 -6.43 -1.55 2.83
N ASP A 43 -6.64 -0.55 3.70
CA ASP A 43 -8.01 -0.09 3.97
C ASP A 43 -8.18 1.43 3.83
N ARG A 44 -8.83 1.83 2.75
CA ARG A 44 -9.05 3.25 2.46
C ARG A 44 -9.76 4.00 3.60
N LYS A 45 -10.49 3.29 4.44
CA LYS A 45 -11.20 3.89 5.54
C LYS A 45 -10.31 4.55 6.58
N TYR A 46 -9.11 4.07 6.72
CA TYR A 46 -8.18 4.56 7.73
C TYR A 46 -6.89 5.13 7.13
N PHE A 47 -6.83 5.23 5.81
CA PHE A 47 -5.67 5.81 5.14
C PHE A 47 -4.34 5.09 5.40
N GLY A 48 -4.31 3.77 5.25
CA GLY A 48 -3.08 3.04 5.47
C GLY A 48 -3.24 1.54 5.46
N LEU A 49 -2.23 0.83 5.97
CA LEU A 49 -2.27 -0.63 6.04
C LEU A 49 -2.56 -1.04 7.47
N VAL A 50 -3.61 -1.83 7.67
CA VAL A 50 -3.99 -2.25 9.01
C VAL A 50 -3.79 -3.74 9.29
N GLY A 51 -3.41 -4.07 10.52
CA GLY A 51 -3.20 -5.46 10.92
C GLY A 51 -3.78 -5.69 12.32
N LYS A 52 -4.19 -6.90 12.61
CA LYS A 52 -4.80 -7.20 13.89
C LYS A 52 -4.44 -8.59 14.47
N PHE A 53 -4.19 -8.69 15.77
CA PHE A 53 -3.91 -9.96 16.44
C PHE A 53 -4.37 -9.82 17.89
N SER A 54 -4.78 -10.94 18.49
CA SER A 54 -5.26 -10.91 19.86
C SER A 54 -4.13 -11.19 20.84
N HIS A 55 -4.24 -10.61 22.02
CA HIS A 55 -3.25 -10.81 23.07
C HIS A 55 -3.98 -10.53 24.37
N GLN A 56 -4.29 -11.59 25.10
CA GLN A 56 -4.98 -11.45 26.37
C GLN A 56 -6.41 -10.94 26.23
N GLY A 57 -7.16 -11.59 25.34
CA GLY A 57 -8.56 -11.26 25.14
C GLY A 57 -8.90 -9.96 24.46
N LYS A 58 -7.89 -9.12 24.26
CA LYS A 58 -8.10 -7.83 23.60
C LYS A 58 -7.49 -7.77 22.19
N ASP A 59 -8.07 -6.94 21.33
CA ASP A 59 -7.57 -6.79 19.96
C ASP A 59 -6.49 -5.74 19.87
N VAL A 60 -5.31 -6.17 19.44
CA VAL A 60 -4.17 -5.28 19.27
C VAL A 60 -4.05 -4.96 17.79
N ARG A 61 -4.05 -3.68 17.42
CA ARG A 61 -3.93 -3.34 15.99
C ARG A 61 -2.59 -2.71 15.56
N LEU A 62 -2.20 -3.01 14.33
CA LEU A 62 -0.95 -2.50 13.74
C LEU A 62 -1.27 -1.56 12.59
N LEU A 63 -0.60 -0.41 12.51
CA LEU A 63 -0.89 0.54 11.44
C LEU A 63 0.31 1.24 10.81
N ILE A 64 0.30 1.31 9.48
CA ILE A 64 1.33 2.02 8.72
C ILE A 64 0.47 2.94 7.88
N PRO A 65 0.54 4.26 8.12
CA PRO A 65 -0.27 5.20 7.34
C PRO A 65 0.23 5.33 5.90
N THR A 66 -0.67 5.52 4.94
CA THR A 66 -0.22 5.65 3.58
C THR A 66 -0.47 7.05 3.05
N THR A 67 -0.74 7.97 3.96
CA THR A 67 -0.90 9.39 3.63
C THR A 67 0.58 9.75 3.65
N TYR A 68 0.90 11.04 3.68
CA TYR A 68 2.30 11.39 3.76
C TYR A 68 2.68 11.41 5.23
N MET A 69 3.97 11.51 5.51
CA MET A 69 4.46 11.56 6.88
C MET A 69 3.80 12.69 7.67
N ASN A 70 3.60 13.84 7.03
CA ASN A 70 3.02 14.99 7.71
C ASN A 70 1.50 15.04 7.82
N ARG A 71 0.80 14.02 7.31
CA ARG A 71 -0.66 13.94 7.41
C ARG A 71 -1.07 12.65 8.10
N SER A 72 -0.06 12.01 8.69
CA SER A 72 -0.22 10.76 9.41
C SER A 72 -1.29 10.78 10.49
N GLY A 73 -1.37 11.89 11.24
CA GLY A 73 -2.36 11.98 12.31
C GLY A 73 -3.74 11.60 11.85
N GLN A 74 -4.10 12.09 10.67
CA GLN A 74 -5.39 11.83 10.05
C GLN A 74 -5.74 10.35 10.11
N SER A 75 -4.79 9.53 9.71
CA SER A 75 -4.92 8.09 9.72
C SER A 75 -5.02 7.56 11.15
N VAL A 76 -4.10 7.98 12.01
CA VAL A 76 -4.11 7.55 13.40
C VAL A 76 -5.42 7.93 14.09
N ALA A 77 -5.85 9.17 13.89
CA ALA A 77 -7.08 9.69 14.49
C ALA A 77 -8.32 9.00 13.95
N ALA A 78 -8.22 8.53 12.72
CA ALA A 78 -9.32 7.86 12.06
C ALA A 78 -9.55 6.50 12.67
N LEU A 79 -8.46 5.82 12.99
CA LEU A 79 -8.53 4.48 13.56
C LEU A 79 -8.85 4.54 15.06
N ALA A 80 -8.16 5.41 15.79
CA ALA A 80 -8.39 5.54 17.22
C ALA A 80 -9.83 5.97 17.45
N GLY A 81 -10.30 6.86 16.58
CA GLY A 81 -11.65 7.39 16.66
C GLY A 81 -12.73 6.35 16.52
N PHE A 82 -12.65 5.54 15.46
CA PHE A 82 -13.63 4.49 15.22
C PHE A 82 -13.66 3.44 16.32
N PHE A 83 -12.48 3.07 16.83
CA PHE A 83 -12.38 2.07 17.87
C PHE A 83 -12.26 2.60 19.30
N ARG A 84 -12.51 3.89 19.48
CA ARG A 84 -12.43 4.50 20.81
C ARG A 84 -11.23 4.00 21.61
N ILE A 85 -10.05 4.44 21.17
CA ILE A 85 -8.78 4.06 21.78
C ILE A 85 -8.12 5.25 22.47
N ALA A 86 -7.76 5.08 23.73
CA ALA A 86 -7.11 6.16 24.45
C ALA A 86 -5.65 6.28 24.01
N PRO A 87 -5.19 7.51 23.81
CA PRO A 87 -3.84 7.92 23.41
C PRO A 87 -2.73 7.17 24.17
N ASP A 88 -2.99 6.80 25.40
CA ASP A 88 -2.03 6.14 26.23
C ASP A 88 -2.04 4.66 26.06
N ALA A 89 -2.78 4.21 25.08
CA ALA A 89 -2.83 2.79 24.71
C ALA A 89 -2.25 2.67 23.30
N ILE A 90 -1.46 3.68 22.95
CA ILE A 90 -0.85 3.80 21.64
C ILE A 90 0.66 3.94 21.67
N LEU A 91 1.33 3.13 20.85
CA LEU A 91 2.79 3.14 20.74
C LEU A 91 3.16 3.47 19.31
N VAL A 92 4.00 4.48 19.14
CA VAL A 92 4.40 4.89 17.81
C VAL A 92 5.90 4.74 17.61
N ALA A 93 6.29 3.81 16.74
CA ALA A 93 7.72 3.59 16.45
C ALA A 93 8.15 4.60 15.39
N HIS A 94 9.33 5.19 15.56
CA HIS A 94 9.78 6.20 14.60
C HIS A 94 11.31 6.37 14.60
N ASP A 95 11.82 7.04 13.58
CA ASP A 95 13.25 7.29 13.47
C ASP A 95 13.64 8.40 14.45
N GLU A 96 14.78 8.23 15.11
CA GLU A 96 15.25 9.22 16.08
C GLU A 96 16.65 9.66 15.71
N LEU A 97 16.76 10.94 15.39
CA LEU A 97 18.02 11.56 15.02
C LEU A 97 19.00 11.68 16.19
N ASP A 98 18.50 11.83 17.38
CA ASP A 98 19.34 12.06 18.53
C ASP A 98 20.19 10.92 19.07
N MET A 99 19.94 9.70 18.63
CA MET A 99 20.73 8.55 19.08
C MET A 99 21.37 7.91 17.83
N PRO A 100 22.56 7.31 17.98
CA PRO A 100 23.18 6.71 16.79
C PRO A 100 22.64 5.35 16.41
N PRO A 101 22.95 4.86 15.19
CA PRO A 101 22.48 3.55 14.71
C PRO A 101 22.88 2.42 15.68
N GLY A 102 21.96 1.51 15.94
CA GLY A 102 22.27 0.44 16.84
C GLY A 102 21.79 0.71 18.25
N VAL A 103 21.02 1.78 18.42
CA VAL A 103 20.49 2.17 19.73
C VAL A 103 18.98 2.43 19.68
N ALA A 104 18.22 1.90 20.65
CA ALA A 104 16.77 2.08 20.70
C ALA A 104 16.29 2.33 22.14
N LYS A 105 15.35 3.26 22.31
CA LYS A 105 14.84 3.57 23.64
C LYS A 105 13.34 3.87 23.65
N LEU A 106 12.77 3.87 24.85
CA LEU A 106 11.34 4.14 25.00
C LEU A 106 11.13 5.45 25.73
N LYS A 107 9.98 6.07 25.45
CA LYS A 107 9.63 7.35 26.07
C LYS A 107 8.12 7.59 26.07
N THR A 108 7.61 8.12 27.17
CA THR A 108 6.19 8.43 27.30
C THR A 108 6.01 9.94 27.25
N GLY A 109 5.13 10.39 26.36
CA GLY A 109 4.90 11.81 26.19
C GLY A 109 6.12 12.63 25.83
N GLY A 110 5.92 13.93 25.71
CA GLY A 110 7.02 14.79 25.38
C GLY A 110 6.78 15.59 24.12
N GLY A 111 7.83 16.28 23.69
CA GLY A 111 7.75 17.08 22.50
C GLY A 111 7.84 16.17 21.29
N HIS A 112 7.65 16.75 20.11
CA HIS A 112 7.76 15.97 18.88
C HIS A 112 9.19 16.08 18.37
N GLY A 113 9.96 16.91 19.02
CA GLY A 113 11.35 17.08 18.64
C GLY A 113 11.54 17.38 17.18
N GLY A 114 10.66 18.20 16.63
CA GLY A 114 10.75 18.64 15.22
C GLY A 114 10.31 17.62 14.19
N HIS A 115 9.99 16.40 14.65
CA HIS A 115 9.52 15.32 13.81
C HIS A 115 8.13 15.65 13.28
N ASN A 116 7.96 15.74 11.98
CA ASN A 116 6.68 16.13 11.40
C ASN A 116 5.58 15.08 11.45
N GLY A 117 5.94 13.83 11.64
CA GLY A 117 4.92 12.81 11.72
C GLY A 117 4.28 12.85 13.10
N LEU A 118 5.14 12.95 14.11
CA LEU A 118 4.72 13.04 15.50
C LEU A 118 3.89 14.30 15.75
N ARG A 119 4.24 15.27 15.08
CA ARG A 119 3.62 16.49 15.28
C ARG A 119 2.19 16.61 14.80
N ASP A 120 1.87 15.94 13.68
CA ASP A 120 0.53 15.87 13.12
C ASP A 120 -0.34 14.95 13.96
N ILE A 121 0.28 13.99 14.61
CA ILE A 121 -0.45 13.05 15.44
C ILE A 121 -0.97 13.73 16.70
N ILE A 122 -0.12 14.54 17.33
CA ILE A 122 -0.49 15.27 18.54
C ILE A 122 -1.63 16.23 18.20
N ALA A 123 -1.51 16.87 17.04
CA ALA A 123 -2.51 17.80 16.56
C ALA A 123 -3.85 17.11 16.30
N GLN A 124 -3.81 16.10 15.44
CA GLN A 124 -5.02 15.35 15.10
C GLN A 124 -5.71 14.66 16.24
N LEU A 125 -4.98 14.38 17.33
CA LEU A 125 -5.60 13.73 18.46
C LEU A 125 -6.27 14.73 19.40
N GLY A 126 -6.04 16.02 19.14
CA GLY A 126 -6.61 17.05 19.99
C GLY A 126 -5.62 17.45 21.06
N ASN A 127 -4.36 17.56 20.64
CA ASN A 127 -3.23 17.94 21.46
C ASN A 127 -2.89 16.89 22.51
N GLN A 128 -3.06 15.61 22.17
CA GLN A 128 -2.71 14.52 23.09
C GLN A 128 -1.31 14.02 22.80
N ASN A 129 -0.32 14.32 23.64
CA ASN A 129 1.06 13.84 23.46
C ASN A 129 1.39 12.75 24.47
N SER A 130 0.35 12.30 25.16
CA SER A 130 0.44 11.33 26.23
C SER A 130 0.74 9.94 25.84
N PHE A 131 0.88 9.68 24.55
CA PHE A 131 1.17 8.33 24.02
C PHE A 131 2.63 7.93 24.11
N HIS A 132 2.89 6.67 23.75
CA HIS A 132 4.21 6.05 23.86
C HIS A 132 5.06 6.03 22.58
N ARG A 133 6.38 6.03 22.74
CA ARG A 133 7.26 6.08 21.57
C ARG A 133 8.50 5.21 21.54
N LEU A 134 8.60 4.36 20.53
CA LEU A 134 9.79 3.54 20.37
C LEU A 134 10.66 4.36 19.45
N ARG A 135 11.80 4.81 19.97
CA ARG A 135 12.69 5.67 19.20
C ARG A 135 13.89 4.88 18.70
N LEU A 136 13.90 4.63 17.39
CA LEU A 136 14.95 3.87 16.71
C LEU A 136 16.01 4.80 16.18
N GLY A 137 17.22 4.69 16.69
CA GLY A 137 18.31 5.56 16.31
C GLY A 137 18.83 5.46 14.90
N ILE A 138 19.03 6.61 14.26
CA ILE A 138 19.53 6.64 12.89
C ILE A 138 20.73 7.57 12.77
N GLY A 139 21.03 8.30 13.84
CA GLY A 139 22.17 9.21 13.81
C GLY A 139 21.85 10.58 13.26
N HIS A 140 22.74 11.52 13.53
CA HIS A 140 22.56 12.88 13.05
C HIS A 140 23.62 13.17 11.99
N PRO A 141 23.26 13.97 10.97
CA PRO A 141 24.21 14.31 9.91
C PRO A 141 25.31 15.27 10.38
N GLY A 142 25.07 15.98 11.48
CA GLY A 142 26.07 16.92 11.96
C GLY A 142 25.58 18.35 11.94
N HIS A 143 24.62 18.65 11.06
CA HIS A 143 24.09 20.00 11.01
C HIS A 143 22.64 20.10 10.59
N SER A 144 21.97 21.06 11.05
CA SER A 144 20.57 21.27 10.92
C SER A 144 20.02 21.50 9.60
N SER A 145 20.82 22.00 8.74
CA SER A 145 20.40 22.25 7.36
C SER A 145 20.45 20.98 6.52
N LEU A 146 21.22 20.01 6.98
CA LEU A 146 21.36 18.75 6.25
C LEU A 146 20.33 17.71 6.66
N VAL A 147 19.50 18.00 7.65
CA VAL A 147 18.55 16.99 8.12
C VAL A 147 17.52 16.46 7.13
N SER A 148 16.87 17.34 6.37
CA SER A 148 15.86 16.90 5.42
C SER A 148 16.35 15.85 4.43
N GLY A 149 17.56 16.02 3.91
CA GLY A 149 18.09 15.07 2.96
C GLY A 149 18.67 13.82 3.60
N TYR A 150 19.14 13.94 4.83
CA TYR A 150 19.72 12.81 5.54
C TYR A 150 18.65 11.76 5.85
N VAL A 151 17.48 12.20 6.31
CA VAL A 151 16.41 11.25 6.62
C VAL A 151 15.78 10.66 5.37
N LEU A 152 15.91 11.35 4.24
CA LEU A 152 15.31 10.87 3.00
C LEU A 152 16.29 10.09 2.15
N GLY A 153 17.39 9.66 2.78
CA GLY A 153 18.39 8.90 2.06
C GLY A 153 18.55 7.50 2.61
N ARG A 154 19.15 6.62 1.81
CA ARG A 154 19.38 5.25 2.22
C ARG A 154 20.78 5.20 2.88
N ALA A 155 20.89 4.54 4.03
CA ALA A 155 22.15 4.47 4.78
C ALA A 155 23.15 3.44 4.28
N PRO A 156 24.45 3.62 4.61
CA PRO A 156 25.47 2.68 4.18
C PRO A 156 25.21 1.33 4.82
N ARG A 157 25.81 0.29 4.26
CA ARG A 157 25.61 -1.06 4.78
C ARG A 157 25.88 -1.19 6.28
N SER A 158 27.00 -0.67 6.76
CA SER A 158 27.32 -0.81 8.18
C SER A 158 26.26 -0.23 9.11
N GLU A 159 25.63 0.86 8.68
CA GLU A 159 24.61 1.52 9.47
C GLU A 159 23.28 0.78 9.53
N GLN A 160 22.87 0.23 8.41
CA GLN A 160 21.65 -0.51 8.40
C GLN A 160 21.74 -1.69 9.30
N GLU A 161 22.88 -2.33 9.36
CA GLU A 161 23.07 -3.50 10.18
C GLU A 161 22.91 -3.18 11.59
N LEU A 162 23.34 -2.02 12.00
CA LEU A 162 23.13 -1.63 13.39
C LEU A 162 21.65 -1.37 13.67
N LEU A 163 20.94 -0.81 12.69
CA LEU A 163 19.52 -0.55 12.87
C LEU A 163 18.79 -1.87 12.96
N ASP A 164 19.20 -2.81 12.12
CA ASP A 164 18.61 -4.15 12.11
C ASP A 164 18.81 -4.83 13.44
N THR A 165 19.96 -4.56 14.08
CA THR A 165 20.27 -5.12 15.39
C THR A 165 19.33 -4.51 16.41
N SER A 166 19.10 -3.21 16.30
CA SER A 166 18.23 -2.51 17.23
C SER A 166 16.76 -2.86 17.10
N ILE A 167 16.30 -3.21 15.89
CA ILE A 167 14.88 -3.59 15.73
C ILE A 167 14.68 -4.97 16.37
N ASP A 168 15.71 -5.81 16.31
CA ASP A 168 15.76 -7.12 16.94
C ASP A 168 15.80 -7.00 18.44
N PHE A 169 16.56 -6.08 18.95
CA PHE A 169 16.57 -5.87 20.38
C PHE A 169 15.17 -5.49 20.84
N ALA A 170 14.49 -4.68 20.04
CA ALA A 170 13.16 -4.18 20.34
C ALA A 170 12.06 -5.24 20.37
N LEU A 171 12.10 -6.16 19.41
CA LEU A 171 11.10 -7.21 19.37
C LEU A 171 11.37 -8.10 20.57
N GLY A 172 12.61 -8.07 21.05
CA GLY A 172 12.99 -8.87 22.19
C GLY A 172 12.25 -8.44 23.45
N VAL A 173 11.76 -7.20 23.48
CA VAL A 173 11.04 -6.72 24.65
C VAL A 173 9.58 -6.45 24.34
N LEU A 174 9.09 -7.12 23.30
CA LEU A 174 7.69 -7.02 22.90
C LEU A 174 6.73 -7.57 23.96
N PRO A 175 7.08 -8.67 24.62
CA PRO A 175 6.14 -9.25 25.60
C PRO A 175 5.83 -8.23 26.69
N GLU A 176 6.87 -7.52 27.09
CA GLU A 176 6.81 -6.45 28.07
C GLU A 176 6.14 -5.19 27.54
N MET A 177 6.15 -5.00 26.22
CA MET A 177 5.53 -3.80 25.64
C MET A 177 4.03 -3.93 25.43
N LEU A 178 3.60 -5.10 24.99
CA LEU A 178 2.18 -5.36 24.78
C LEU A 178 1.42 -5.26 26.10
N ALA A 179 2.07 -5.67 27.19
CA ALA A 179 1.48 -5.65 28.53
C ALA A 179 1.38 -4.23 29.08
N GLY A 180 2.24 -3.35 28.60
CA GLY A 180 2.22 -1.98 29.05
C GLY A 180 3.12 -1.75 30.24
N ASP A 181 3.97 -2.66 30.55
CA ASP A 181 4.86 -2.52 31.65
C ASP A 181 6.17 -1.90 31.14
N TRP A 182 6.21 -0.59 31.08
CA TRP A 182 7.28 0.22 30.53
C TRP A 182 8.58 0.33 31.32
N THR A 183 8.52 0.28 32.64
CA THR A 183 9.74 0.39 33.44
C THR A 183 10.58 -0.88 33.25
N ARG A 184 9.97 -2.01 33.20
CA ARG A 184 10.78 -3.20 32.98
C ARG A 184 11.21 -3.29 31.52
N ALA A 185 10.26 -2.85 30.68
CA ALA A 185 10.55 -2.90 29.25
C ALA A 185 11.77 -2.05 28.94
N MET A 186 11.88 -0.94 29.67
CA MET A 186 13.01 -0.02 29.54
C MET A 186 14.26 -0.65 30.16
N GLN A 187 14.12 -1.20 31.37
CA GLN A 187 15.24 -1.82 32.07
C GLN A 187 15.87 -2.95 31.28
N LYS A 188 15.07 -3.69 30.51
CA LYS A 188 15.63 -4.79 29.72
C LYS A 188 16.26 -4.27 28.43
N LEU A 189 15.63 -3.25 27.84
CA LEU A 189 16.12 -2.67 26.59
C LEU A 189 17.33 -1.78 26.76
N HIS A 190 17.17 -0.67 27.47
CA HIS A 190 18.24 0.30 27.70
C HIS A 190 19.62 -0.24 28.09
N SER A 191 19.81 -1.56 28.18
CA SER A 191 21.11 -2.09 28.54
C SER A 191 21.58 -3.08 27.49
N GLN A 192 21.26 -2.81 26.23
CA GLN A 192 21.78 -3.68 25.18
C GLN A 192 22.67 -2.90 24.23
N LYS A 193 23.93 -3.34 24.12
CA LYS A 193 24.97 -2.67 23.35
C LYS A 193 25.20 -3.32 21.99
N ALA A 194 25.20 -2.50 20.94
CA ALA A 194 25.37 -3.01 19.58
C ALA A 194 26.84 -3.26 19.23
N MET B 1 -13.54 -22.46 -22.94
CA MET B 1 -12.07 -22.57 -22.67
C MET B 1 -11.67 -21.91 -21.34
N THR B 2 -10.36 -21.75 -21.14
CA THR B 2 -9.74 -21.18 -19.93
C THR B 2 -10.43 -20.13 -19.06
N ALA B 3 -10.47 -20.40 -17.77
CA ALA B 3 -11.06 -19.48 -16.81
C ALA B 3 -9.98 -18.57 -16.25
N VAL B 4 -10.36 -17.32 -15.98
CA VAL B 4 -9.48 -16.30 -15.41
C VAL B 4 -9.03 -16.62 -13.98
N GLN B 5 -7.72 -16.63 -13.76
CA GLN B 5 -7.17 -16.92 -12.42
C GLN B 5 -6.58 -15.68 -11.76
N LEU B 6 -6.33 -14.66 -12.57
CA LEU B 6 -5.72 -13.44 -12.07
C LEU B 6 -6.19 -12.14 -12.72
N ILE B 7 -6.65 -11.21 -11.90
CA ILE B 7 -7.10 -9.91 -12.35
C ILE B 7 -6.13 -8.85 -11.85
N VAL B 8 -5.65 -8.01 -12.75
CA VAL B 8 -4.66 -7.00 -12.40
C VAL B 8 -5.16 -5.57 -12.66
N GLY B 9 -5.05 -4.70 -11.67
CA GLY B 9 -5.47 -3.33 -11.84
C GLY B 9 -4.26 -2.41 -11.81
N LEU B 10 -3.95 -1.81 -12.95
CA LEU B 10 -2.79 -0.92 -13.04
C LEU B 10 -2.99 0.48 -12.48
N GLY B 11 -1.94 0.99 -11.86
CA GLY B 11 -2.00 2.32 -11.29
C GLY B 11 -0.65 2.69 -10.70
N ASN B 12 -0.53 3.92 -10.21
CA ASN B 12 0.69 4.38 -9.58
C ASN B 12 0.51 4.50 -8.07
N PRO B 13 1.52 4.10 -7.30
CA PRO B 13 1.42 4.17 -5.84
C PRO B 13 1.61 5.60 -5.29
N GLY B 14 1.08 5.86 -4.09
CA GLY B 14 1.24 7.18 -3.50
C GLY B 14 0.05 8.10 -3.66
N PRO B 15 -0.19 8.97 -2.68
CA PRO B 15 -1.31 9.90 -2.73
C PRO B 15 -1.18 10.95 -3.85
N GLU B 16 0.04 11.12 -4.35
CA GLU B 16 0.34 12.07 -5.43
C GLU B 16 -0.42 11.67 -6.68
N TYR B 17 -0.63 10.36 -6.82
CA TYR B 17 -1.27 9.78 -7.98
C TYR B 17 -2.67 9.22 -7.79
N ASP B 18 -3.21 9.37 -6.60
CA ASP B 18 -4.53 8.81 -6.33
C ASP B 18 -5.68 9.55 -7.00
N GLN B 19 -6.58 8.77 -7.61
CA GLN B 19 -7.78 9.27 -8.28
C GLN B 19 -7.50 10.02 -9.58
N THR B 20 -6.37 9.72 -10.23
CA THR B 20 -6.01 10.33 -11.49
C THR B 20 -6.41 9.34 -12.58
N ARG B 21 -6.28 9.73 -13.85
CA ARG B 21 -6.69 8.86 -14.95
C ARG B 21 -5.90 7.55 -15.13
N HIS B 22 -4.58 7.61 -14.95
CA HIS B 22 -3.72 6.45 -15.11
C HIS B 22 -4.06 5.33 -14.10
N ASN B 23 -4.92 5.65 -13.13
CA ASN B 23 -5.32 4.70 -12.09
C ASN B 23 -6.67 4.01 -12.29
N ALA B 24 -7.27 4.12 -13.47
CA ALA B 24 -8.58 3.51 -13.73
C ALA B 24 -8.57 2.02 -13.53
N GLY B 25 -7.49 1.37 -13.93
CA GLY B 25 -7.39 -0.07 -13.77
C GLY B 25 -7.48 -0.42 -12.30
N ALA B 26 -6.69 0.29 -11.52
CA ALA B 26 -6.64 0.08 -10.10
C ALA B 26 -8.01 0.33 -9.50
N LEU B 27 -8.66 1.41 -9.93
CA LEU B 27 -9.98 1.72 -9.39
C LEU B 27 -10.99 0.58 -9.64
N PHE B 28 -10.90 -0.04 -10.82
CA PHE B 28 -11.77 -1.15 -11.17
C PHE B 28 -11.53 -2.29 -10.18
N VAL B 29 -10.29 -2.72 -10.04
CA VAL B 29 -9.99 -3.82 -9.11
C VAL B 29 -10.43 -3.49 -7.68
N GLU B 30 -10.22 -2.24 -7.27
CA GLU B 30 -10.61 -1.76 -5.95
C GLU B 30 -12.13 -1.89 -5.75
N ARG B 31 -12.89 -1.47 -6.76
CA ARG B 31 -14.34 -1.57 -6.74
C ARG B 31 -14.73 -3.05 -6.75
N LEU B 32 -14.07 -3.83 -7.60
CA LEU B 32 -14.35 -5.25 -7.70
C LEU B 32 -14.12 -5.92 -6.35
N ALA B 33 -12.98 -5.61 -5.74
CA ALA B 33 -12.62 -6.18 -4.45
C ALA B 33 -13.62 -5.85 -3.35
N HIS B 34 -14.13 -4.62 -3.36
CA HIS B 34 -15.09 -4.20 -2.36
C HIS B 34 -16.44 -4.86 -2.57
N ALA B 35 -16.79 -5.11 -3.83
CA ALA B 35 -18.05 -5.72 -4.17
C ALA B 35 -18.09 -7.19 -3.76
N GLN B 36 -16.91 -7.76 -3.52
CA GLN B 36 -16.77 -9.17 -3.17
C GLN B 36 -16.39 -9.42 -1.71
N GLY B 37 -16.13 -8.35 -0.96
CA GLY B 37 -15.74 -8.53 0.42
C GLY B 37 -14.42 -9.27 0.51
N VAL B 38 -13.46 -8.84 -0.31
CA VAL B 38 -12.14 -9.44 -0.34
C VAL B 38 -11.12 -8.36 0.03
N SER B 39 -10.26 -8.70 0.98
CA SER B 39 -9.25 -7.78 1.48
C SER B 39 -7.98 -7.83 0.67
N LEU B 40 -7.42 -6.65 0.40
CA LEU B 40 -6.17 -6.51 -0.35
C LEU B 40 -5.02 -6.41 0.63
N VAL B 41 -4.21 -7.47 0.67
CA VAL B 41 -3.07 -7.56 1.58
C VAL B 41 -1.78 -7.03 0.96
N ALA B 42 -1.06 -6.23 1.74
CA ALA B 42 0.22 -5.68 1.30
C ALA B 42 1.29 -6.76 1.39
N ASP B 43 1.79 -7.22 0.25
CA ASP B 43 2.80 -8.27 0.26
C ASP B 43 4.07 -7.93 -0.51
N ARG B 44 5.19 -7.90 0.22
CA ARG B 44 6.48 -7.55 -0.36
C ARG B 44 7.00 -8.57 -1.39
N LYS B 45 6.63 -9.84 -1.23
CA LYS B 45 7.06 -10.92 -2.14
C LYS B 45 6.57 -10.77 -3.59
N TYR B 46 5.43 -10.11 -3.79
CA TYR B 46 4.85 -9.94 -5.11
C TYR B 46 4.80 -8.48 -5.56
N PHE B 47 5.43 -7.61 -4.77
CA PHE B 47 5.49 -6.19 -5.07
C PHE B 47 4.14 -5.49 -5.28
N GLY B 48 3.21 -5.67 -4.37
CA GLY B 48 1.92 -5.01 -4.54
C GLY B 48 0.87 -5.48 -3.57
N LEU B 49 -0.38 -5.11 -3.83
CA LEU B 49 -1.49 -5.52 -2.97
C LEU B 49 -2.14 -6.74 -3.60
N VAL B 50 -2.32 -7.78 -2.78
CA VAL B 50 -2.90 -9.04 -3.26
C VAL B 50 -4.23 -9.40 -2.62
N GLY B 51 -5.13 -9.97 -3.42
CA GLY B 51 -6.44 -10.39 -2.96
C GLY B 51 -6.72 -11.76 -3.54
N LYS B 52 -7.56 -12.56 -2.86
CA LYS B 52 -7.87 -13.92 -3.31
C LYS B 52 -9.30 -14.36 -2.92
N PHE B 53 -9.96 -15.06 -3.84
CA PHE B 53 -11.29 -15.60 -3.56
C PHE B 53 -11.56 -16.83 -4.43
N SER B 54 -12.66 -17.54 -4.16
CA SER B 54 -12.94 -18.73 -4.93
C SER B 54 -14.05 -18.57 -5.92
N HIS B 55 -14.00 -19.36 -6.99
CA HIS B 55 -15.02 -19.34 -8.00
C HIS B 55 -14.92 -20.65 -8.77
N GLN B 56 -15.79 -21.60 -8.44
CA GLN B 56 -15.82 -22.89 -9.11
C GLN B 56 -14.55 -23.71 -8.86
N GLY B 57 -14.31 -24.01 -7.59
CA GLY B 57 -13.17 -24.82 -7.20
C GLY B 57 -11.80 -24.20 -7.28
N LYS B 58 -11.63 -23.09 -7.95
CA LYS B 58 -10.32 -22.50 -8.11
C LYS B 58 -10.17 -21.17 -7.46
N ASP B 59 -8.95 -20.84 -7.07
CA ASP B 59 -8.61 -19.57 -6.44
C ASP B 59 -8.44 -18.54 -7.52
N VAL B 60 -9.14 -17.42 -7.40
CA VAL B 60 -9.01 -16.33 -8.37
C VAL B 60 -8.29 -15.21 -7.61
N ARG B 61 -7.19 -14.69 -8.17
CA ARG B 61 -6.45 -13.62 -7.47
C ARG B 61 -6.49 -12.21 -8.06
N LEU B 62 -6.46 -11.24 -7.15
CA LEU B 62 -6.47 -9.81 -7.52
C LEU B 62 -5.12 -9.15 -7.21
N LEU B 63 -4.72 -8.20 -8.04
CA LEU B 63 -3.43 -7.54 -7.83
C LEU B 63 -3.36 -6.10 -8.31
N ILE B 64 -2.85 -5.24 -7.44
CA ILE B 64 -2.63 -3.82 -7.74
C ILE B 64 -1.16 -3.67 -7.37
N PRO B 65 -0.27 -3.60 -8.38
CA PRO B 65 1.17 -3.46 -8.14
C PRO B 65 1.58 -2.18 -7.42
N THR B 66 2.50 -2.31 -6.47
CA THR B 66 2.93 -1.14 -5.72
C THR B 66 4.30 -0.65 -6.19
N THR B 67 4.72 -1.16 -7.34
CA THR B 67 5.96 -0.73 -7.97
C THR B 67 5.43 0.39 -8.85
N TYR B 68 6.28 1.13 -9.53
CA TYR B 68 5.78 2.19 -10.40
C TYR B 68 5.13 1.53 -11.62
N MET B 69 4.30 2.27 -12.34
CA MET B 69 3.61 1.77 -13.53
C MET B 69 4.53 1.07 -14.54
N ASN B 70 5.74 1.57 -14.72
CA ASN B 70 6.64 0.94 -15.69
C ASN B 70 7.41 -0.32 -15.23
N ARG B 71 7.26 -0.71 -13.96
CA ARG B 71 7.91 -1.92 -13.46
C ARG B 71 6.85 -2.93 -13.00
N SER B 72 5.61 -2.68 -13.41
CA SER B 72 4.49 -3.54 -13.05
C SER B 72 4.74 -5.01 -13.39
N GLY B 73 5.34 -5.28 -14.55
CA GLY B 73 5.60 -6.65 -14.96
C GLY B 73 6.36 -7.46 -13.93
N GLN B 74 7.21 -6.79 -13.18
CA GLN B 74 8.01 -7.43 -12.13
C GLN B 74 7.09 -8.04 -11.09
N SER B 75 6.08 -7.27 -10.73
CA SER B 75 5.09 -7.68 -9.76
C SER B 75 4.24 -8.82 -10.34
N VAL B 76 3.79 -8.66 -11.59
CA VAL B 76 2.97 -9.65 -12.27
C VAL B 76 3.72 -10.97 -12.49
N ALA B 77 4.96 -10.87 -12.91
CA ALA B 77 5.79 -12.05 -13.15
C ALA B 77 6.04 -12.78 -11.84
N ALA B 78 6.17 -12.00 -10.78
CA ALA B 78 6.41 -12.52 -9.45
C ALA B 78 5.29 -13.43 -9.02
N LEU B 79 4.06 -12.99 -9.24
CA LEU B 79 2.90 -13.77 -8.85
C LEU B 79 2.56 -14.91 -9.81
N ALA B 80 2.64 -14.65 -11.11
CA ALA B 80 2.33 -15.66 -12.08
C ALA B 80 3.25 -16.86 -11.93
N GLY B 81 4.54 -16.56 -11.74
CA GLY B 81 5.55 -17.59 -11.60
C GLY B 81 5.50 -18.42 -10.34
N PHE B 82 5.03 -17.83 -9.24
CA PHE B 82 4.94 -18.56 -7.98
C PHE B 82 3.76 -19.53 -8.00
N PHE B 83 2.76 -19.24 -8.81
CA PHE B 83 1.57 -20.09 -8.95
C PHE B 83 1.47 -20.79 -10.30
N ARG B 84 2.46 -20.60 -11.13
CA ARG B 84 2.45 -21.26 -12.39
C ARG B 84 1.15 -21.02 -13.10
N ILE B 85 0.90 -19.74 -13.37
CA ILE B 85 -0.33 -19.24 -14.01
C ILE B 85 -0.05 -18.89 -15.46
N ALA B 86 -0.87 -19.41 -16.37
CA ALA B 86 -0.66 -19.12 -17.78
C ALA B 86 -1.17 -17.73 -18.17
N PRO B 87 -0.53 -17.12 -19.19
CA PRO B 87 -0.82 -15.79 -19.76
C PRO B 87 -2.27 -15.56 -20.15
N ASP B 88 -2.95 -16.59 -20.65
CA ASP B 88 -4.35 -16.46 -21.06
C ASP B 88 -5.32 -16.60 -19.88
N ALA B 89 -4.77 -16.79 -18.69
CA ALA B 89 -5.59 -16.90 -17.48
C ALA B 89 -5.54 -15.58 -16.69
N ILE B 90 -4.93 -14.59 -17.32
CA ILE B 90 -4.74 -13.26 -16.74
C ILE B 90 -5.58 -12.18 -17.42
N LEU B 91 -6.17 -11.29 -16.63
CA LEU B 91 -6.95 -10.17 -17.14
C LEU B 91 -6.37 -8.89 -16.58
N VAL B 92 -6.05 -7.94 -17.44
CA VAL B 92 -5.46 -6.70 -16.97
C VAL B 92 -6.33 -5.47 -17.25
N ALA B 93 -6.84 -4.85 -16.19
CA ALA B 93 -7.66 -3.64 -16.34
C ALA B 93 -6.76 -2.39 -16.45
N HIS B 94 -7.02 -1.55 -17.45
CA HIS B 94 -6.18 -0.37 -17.64
C HIS B 94 -6.93 0.80 -18.28
N ASP B 95 -6.32 1.97 -18.24
CA ASP B 95 -6.89 3.19 -18.81
C ASP B 95 -6.71 3.18 -20.33
N GLU B 96 -7.67 3.76 -21.05
CA GLU B 96 -7.60 3.77 -22.50
C GLU B 96 -7.82 5.16 -23.11
N LEU B 97 -6.77 5.67 -23.72
CA LEU B 97 -6.83 6.98 -24.36
C LEU B 97 -7.69 6.96 -25.61
N ASP B 98 -7.84 5.79 -26.23
CA ASP B 98 -8.57 5.70 -27.49
C ASP B 98 -10.10 5.65 -27.49
N MET B 99 -10.72 5.71 -26.31
CA MET B 99 -12.17 5.69 -26.16
C MET B 99 -12.59 6.79 -25.17
N PRO B 100 -13.70 7.48 -25.41
CA PRO B 100 -14.08 8.53 -24.46
C PRO B 100 -14.66 8.03 -23.16
N PRO B 101 -14.76 8.90 -22.13
CA PRO B 101 -15.29 8.58 -20.80
C PRO B 101 -16.74 8.09 -20.89
N GLY B 102 -17.00 6.90 -20.38
CA GLY B 102 -18.33 6.35 -20.43
C GLY B 102 -18.35 5.07 -21.23
N VAL B 103 -17.28 4.81 -21.97
CA VAL B 103 -17.16 3.61 -22.81
C VAL B 103 -16.05 2.66 -22.32
N ALA B 104 -16.39 1.37 -22.23
CA ALA B 104 -15.46 0.32 -21.79
C ALA B 104 -15.50 -0.89 -22.72
N LYS B 105 -14.34 -1.38 -23.16
CA LYS B 105 -14.30 -2.50 -24.08
C LYS B 105 -13.35 -3.62 -23.66
N LEU B 106 -13.56 -4.80 -24.24
CA LEU B 106 -12.71 -5.96 -23.95
C LEU B 106 -11.85 -6.28 -25.15
N LYS B 107 -10.69 -6.88 -24.91
CA LYS B 107 -9.76 -7.23 -25.98
C LYS B 107 -8.74 -8.31 -25.58
N THR B 108 -8.48 -9.22 -26.51
CA THR B 108 -7.51 -10.28 -26.27
C THR B 108 -6.25 -10.00 -27.07
N GLY B 109 -5.11 -10.14 -26.40
CA GLY B 109 -3.80 -9.93 -27.02
C GLY B 109 -3.59 -8.65 -27.81
N GLY B 110 -2.42 -8.56 -28.43
CA GLY B 110 -2.12 -7.39 -29.24
C GLY B 110 -0.96 -6.56 -28.74
N GLY B 111 -0.86 -5.35 -29.30
CA GLY B 111 0.20 -4.44 -28.92
C GLY B 111 -0.07 -3.76 -27.60
N HIS B 112 0.90 -2.99 -27.11
CA HIS B 112 0.70 -2.29 -25.85
C HIS B 112 0.13 -0.91 -26.16
N GLY B 113 -0.11 -0.66 -27.44
CA GLY B 113 -0.67 0.59 -27.88
C GLY B 113 -0.05 1.78 -27.19
N GLY B 114 1.18 1.66 -26.81
CA GLY B 114 1.92 2.73 -26.23
C GLY B 114 1.84 2.85 -24.74
N HIS B 115 0.91 2.15 -24.10
CA HIS B 115 0.86 2.10 -22.66
C HIS B 115 2.13 1.52 -22.11
N ASN B 116 2.81 2.29 -21.28
CA ASN B 116 4.06 1.87 -20.63
C ASN B 116 3.96 0.88 -19.49
N GLY B 117 2.74 0.54 -19.10
CA GLY B 117 2.55 -0.43 -18.04
C GLY B 117 2.43 -1.79 -18.67
N LEU B 118 1.65 -1.85 -19.75
CA LEU B 118 1.44 -3.08 -20.47
C LEU B 118 2.77 -3.55 -21.02
N ARG B 119 3.49 -2.67 -21.61
CA ARG B 119 4.67 -3.11 -22.24
C ARG B 119 5.68 -3.82 -21.31
N ASP B 120 5.75 -3.43 -20.04
CA ASP B 120 6.60 -4.12 -19.08
C ASP B 120 6.04 -5.50 -18.73
N ILE B 121 4.72 -5.65 -18.81
CA ILE B 121 4.15 -6.93 -18.52
C ILE B 121 4.51 -7.91 -19.63
N ILE B 122 4.28 -7.51 -20.88
CA ILE B 122 4.59 -8.34 -22.04
C ILE B 122 6.04 -8.83 -21.97
N ALA B 123 6.95 -7.89 -21.68
CA ALA B 123 8.37 -8.16 -21.58
C ALA B 123 8.74 -9.09 -20.41
N GLN B 124 8.17 -8.80 -19.25
CA GLN B 124 8.44 -9.59 -18.05
C GLN B 124 7.86 -10.98 -18.09
N LEU B 125 6.79 -11.17 -18.87
CA LEU B 125 6.19 -12.49 -18.99
C LEU B 125 6.87 -13.29 -20.09
N GLY B 126 8.00 -12.80 -20.56
CA GLY B 126 8.73 -13.47 -21.61
C GLY B 126 8.08 -13.24 -22.96
N ASN B 127 8.14 -12.00 -23.43
CA ASN B 127 7.57 -11.62 -24.72
C ASN B 127 6.25 -12.25 -25.16
N GLN B 128 5.37 -12.46 -24.18
CA GLN B 128 4.04 -13.05 -24.35
C GLN B 128 2.95 -12.00 -24.25
N ASN B 129 2.04 -11.84 -25.20
CA ASN B 129 0.97 -10.88 -25.01
C ASN B 129 -0.39 -11.60 -25.15
N SER B 130 -0.43 -12.89 -24.84
CA SER B 130 -1.63 -13.66 -24.96
C SER B 130 -2.77 -13.27 -24.04
N PHE B 131 -2.52 -12.49 -23.01
CA PHE B 131 -3.55 -12.09 -22.05
C PHE B 131 -4.64 -11.08 -22.45
N HIS B 132 -5.66 -11.01 -21.60
CA HIS B 132 -6.85 -10.18 -21.82
C HIS B 132 -6.87 -8.80 -21.18
N ARG B 133 -7.53 -7.84 -21.83
CA ARG B 133 -7.58 -6.47 -21.30
C ARG B 133 -8.93 -5.75 -21.19
N LEU B 134 -9.23 -5.24 -19.99
CA LEU B 134 -10.44 -4.45 -19.83
C LEU B 134 -9.95 -3.03 -20.04
N ARG B 135 -10.34 -2.46 -21.17
CA ARG B 135 -9.92 -1.11 -21.54
C ARG B 135 -10.96 -0.10 -21.14
N LEU B 136 -10.71 0.59 -20.03
CA LEU B 136 -11.63 1.59 -19.50
C LEU B 136 -11.29 2.95 -20.09
N GLY B 137 -12.20 3.47 -20.90
CA GLY B 137 -11.98 4.74 -21.59
C GLY B 137 -11.81 6.00 -20.76
N ILE B 138 -10.89 6.86 -21.18
CA ILE B 138 -10.62 8.10 -20.47
C ILE B 138 -10.44 9.31 -21.40
N GLY B 139 -10.55 9.10 -22.71
CA GLY B 139 -10.39 10.21 -23.64
C GLY B 139 -8.95 10.53 -24.01
N HIS B 140 -8.77 11.38 -25.01
CA HIS B 140 -7.44 11.76 -25.46
C HIS B 140 -7.39 13.29 -25.52
N PRO B 141 -6.32 13.91 -25.00
CA PRO B 141 -6.17 15.36 -25.00
C PRO B 141 -6.22 16.07 -26.36
N GLY B 142 -5.75 15.44 -27.42
CA GLY B 142 -5.75 16.09 -28.71
C GLY B 142 -4.42 15.88 -29.40
N HIS B 143 -3.34 16.32 -28.78
CA HIS B 143 -2.02 16.14 -29.35
C HIS B 143 -1.23 15.25 -28.41
N SER B 144 -0.45 14.32 -28.97
CA SER B 144 0.34 13.36 -28.17
C SER B 144 1.42 13.93 -27.27
N SER B 145 1.76 15.21 -27.41
CA SER B 145 2.79 15.78 -26.53
C SER B 145 2.12 16.08 -25.19
N LEU B 146 0.80 16.21 -25.22
CA LEU B 146 0.02 16.50 -24.04
C LEU B 146 -0.34 15.22 -23.30
N VAL B 147 -0.16 14.06 -23.92
CA VAL B 147 -0.56 12.83 -23.28
C VAL B 147 -0.03 12.59 -21.86
N SER B 148 1.27 12.74 -21.64
CA SER B 148 1.81 12.46 -20.31
C SER B 148 1.22 13.31 -19.18
N GLY B 149 0.98 14.58 -19.46
CA GLY B 149 0.41 15.44 -18.44
C GLY B 149 -1.07 15.18 -18.23
N TYR B 150 -1.71 14.55 -19.22
CA TYR B 150 -3.13 14.26 -19.19
C TYR B 150 -3.51 13.01 -18.40
N VAL B 151 -2.68 11.97 -18.47
CA VAL B 151 -2.99 10.74 -17.74
C VAL B 151 -2.67 10.84 -16.26
N LEU B 152 -1.92 11.86 -15.87
CA LEU B 152 -1.58 12.04 -14.47
C LEU B 152 -2.34 13.21 -13.86
N GLY B 153 -3.50 13.50 -14.41
CA GLY B 153 -4.33 14.57 -13.90
C GLY B 153 -5.68 14.03 -13.46
N ARG B 154 -6.36 14.80 -12.61
CA ARG B 154 -7.69 14.43 -12.13
C ARG B 154 -8.70 15.00 -13.12
N ALA B 155 -9.68 14.20 -13.52
CA ALA B 155 -10.68 14.65 -14.47
C ALA B 155 -11.79 15.49 -13.83
N PRO B 156 -12.47 16.33 -14.63
CA PRO B 156 -13.55 17.15 -14.09
C PRO B 156 -14.66 16.22 -13.62
N ARG B 157 -15.58 16.73 -12.81
CA ARG B 157 -16.69 15.93 -12.30
C ARG B 157 -17.46 15.13 -13.34
N SER B 158 -17.84 15.77 -14.44
CA SER B 158 -18.61 15.08 -15.47
C SER B 158 -17.92 13.86 -16.06
N GLU B 159 -16.60 13.96 -16.20
CA GLU B 159 -15.82 12.87 -16.76
C GLU B 159 -15.63 11.73 -15.77
N GLN B 160 -15.46 12.07 -14.50
CA GLN B 160 -15.28 11.04 -13.50
C GLN B 160 -16.57 10.24 -13.32
N GLU B 161 -17.70 10.88 -13.61
CA GLU B 161 -19.01 10.26 -13.49
C GLU B 161 -19.24 9.24 -14.57
N LEU B 162 -18.80 9.55 -15.79
CA LEU B 162 -18.99 8.62 -16.89
C LEU B 162 -18.15 7.37 -16.67
N LEU B 163 -16.97 7.55 -16.10
CA LEU B 163 -16.08 6.44 -15.82
C LEU B 163 -16.74 5.50 -14.81
N ASP B 164 -17.31 6.11 -13.78
CA ASP B 164 -18.01 5.40 -12.72
C ASP B 164 -19.12 4.54 -13.30
N THR B 165 -19.73 5.04 -14.39
CA THR B 165 -20.81 4.34 -15.07
C THR B 165 -20.23 3.16 -15.82
N SER B 166 -19.09 3.36 -16.45
CA SER B 166 -18.45 2.30 -17.22
C SER B 166 -17.90 1.16 -16.37
N ILE B 167 -17.32 1.48 -15.22
CA ILE B 167 -16.78 0.45 -14.33
C ILE B 167 -17.94 -0.42 -13.80
N ASP B 168 -19.07 0.24 -13.63
CA ASP B 168 -20.30 -0.36 -13.17
C ASP B 168 -20.76 -1.33 -14.25
N PHE B 169 -20.84 -0.82 -15.48
CA PHE B 169 -21.24 -1.63 -16.62
C PHE B 169 -20.36 -2.88 -16.72
N ALA B 170 -19.10 -2.73 -16.32
CA ALA B 170 -18.11 -3.79 -16.37
C ALA B 170 -18.25 -4.84 -15.28
N LEU B 171 -18.65 -4.41 -14.08
CA LEU B 171 -18.84 -5.35 -12.99
C LEU B 171 -20.10 -6.17 -13.29
N GLY B 172 -21.01 -5.57 -14.07
CA GLY B 172 -22.24 -6.25 -14.42
C GLY B 172 -21.97 -7.43 -15.34
N VAL B 173 -20.74 -7.55 -15.81
CA VAL B 173 -20.37 -8.63 -16.70
C VAL B 173 -19.24 -9.47 -16.09
N LEU B 174 -19.14 -9.43 -14.77
CA LEU B 174 -18.15 -10.23 -14.06
C LEU B 174 -18.44 -11.73 -14.22
N PRO B 175 -19.70 -12.13 -14.22
CA PRO B 175 -19.99 -13.57 -14.27
C PRO B 175 -19.39 -14.24 -15.50
N GLU B 176 -19.48 -13.55 -16.63
CA GLU B 176 -18.89 -13.99 -17.88
C GLU B 176 -17.38 -13.92 -17.91
N MET B 177 -16.81 -12.87 -17.35
CA MET B 177 -15.34 -12.73 -17.35
C MET B 177 -14.58 -13.78 -16.55
N LEU B 178 -15.11 -14.13 -15.38
CA LEU B 178 -14.46 -15.15 -14.57
C LEU B 178 -14.51 -16.50 -15.30
N ALA B 179 -15.66 -16.83 -15.88
CA ALA B 179 -15.87 -18.11 -16.59
C ALA B 179 -14.98 -18.27 -17.81
N GLY B 180 -14.52 -17.14 -18.35
CA GLY B 180 -13.67 -17.15 -19.52
C GLY B 180 -14.44 -17.02 -20.83
N ASP B 181 -15.73 -16.69 -20.72
CA ASP B 181 -16.64 -16.53 -21.86
C ASP B 181 -16.55 -15.11 -22.42
N TRP B 182 -15.56 -14.89 -23.29
CA TRP B 182 -15.28 -13.58 -23.86
C TRP B 182 -16.21 -13.05 -24.96
N THR B 183 -16.78 -13.87 -25.73
CA THR B 183 -17.73 -13.55 -26.72
C THR B 183 -19.06 -13.08 -26.20
N ARG B 184 -19.60 -13.70 -25.22
CA ARG B 184 -20.77 -13.18 -24.66
C ARG B 184 -20.54 -11.93 -23.79
N ALA B 185 -19.36 -11.91 -23.21
CA ALA B 185 -18.92 -10.78 -22.38
C ALA B 185 -18.87 -9.52 -23.24
N MET B 186 -18.37 -9.65 -24.46
CA MET B 186 -18.29 -8.54 -25.40
C MET B 186 -19.69 -8.19 -25.90
N GLN B 187 -20.47 -9.21 -26.29
CA GLN B 187 -21.83 -9.01 -26.78
C GLN B 187 -22.64 -8.19 -25.78
N LYS B 188 -22.65 -8.62 -24.53
CA LYS B 188 -23.39 -7.90 -23.49
C LYS B 188 -22.84 -6.51 -23.24
N LEU B 189 -21.55 -6.43 -22.92
CA LEU B 189 -20.90 -5.15 -22.62
C LEU B 189 -20.93 -4.11 -23.72
N HIS B 190 -20.33 -4.43 -24.86
CA HIS B 190 -20.25 -3.50 -25.97
C HIS B 190 -21.51 -2.79 -26.46
N SER B 191 -22.65 -3.13 -25.87
CA SER B 191 -23.89 -2.50 -26.26
C SER B 191 -24.47 -1.91 -24.99
N GLN B 192 -23.76 -0.89 -24.50
CA GLN B 192 -24.19 -0.13 -23.36
C GLN B 192 -23.72 1.31 -23.48
N LYS B 193 -24.66 2.26 -23.51
CA LYS B 193 -24.36 3.69 -23.67
C LYS B 193 -24.45 4.49 -22.37
N ALA B 194 -23.47 5.37 -22.17
CA ALA B 194 -23.39 6.18 -20.95
C ALA B 194 -24.22 7.47 -20.98
C1 PML C . 11.03 14.88 10.14
O11 PML C . 10.53 15.87 10.64
O12 PML C . 10.36 14.14 9.20
C2 PML C . 12.29 14.23 10.40
C3 PML C . 13.00 13.73 11.55
C4 PML C . 13.78 12.45 11.78
C5 PML C . 13.84 12.71 13.18
C6 PML C . 13.43 12.17 14.37
C7 PML C . 13.26 13.02 15.60
O71 PML C . 12.44 12.54 16.52
O72 PML C . 13.92 14.37 15.74
C1 PML D . -3.69 3.50 -23.68
O11 PML D . -3.96 4.23 -24.60
O12 PML D . -3.90 2.15 -23.84
C2 PML D . -2.97 4.03 -22.46
C3 PML D . -3.20 5.38 -21.86
C4 PML D . -2.53 6.12 -20.80
C5 PML D . -1.10 6.40 -20.98
C6 PML D . 0.35 5.96 -21.34
C7 PML D . 1.58 5.50 -20.67
O71 PML D . 2.55 5.22 -21.31
O72 PML D . 1.45 5.11 -19.27
#